data_8PXJ
#
_entry.id   8PXJ
#
_cell.length_a   106.830
_cell.length_b   106.830
_cell.length_c   74.860
_cell.angle_alpha   90.00
_cell.angle_beta   90.00
_cell.angle_gamma   120.00
#
_symmetry.space_group_name_H-M   'P 63 2 2'
#
loop_
_entity.id
_entity.type
_entity.pdbx_description
1 polymer 'Glycoprotein G1'
2 non-polymer 2-acetamido-2-deoxy-beta-D-glucopyranose
3 non-polymer 'CADMIUM ION'
4 non-polymer 'SULFATE ION'
#
_entity_poly.entity_id   1
_entity_poly.type   'polypeptide(L)'
_entity_poly.pdbx_seq_one_letter_code
;ETGASYITPYVPMPCMINDTHFLLRGPFEASWAIKLEITDVTTLVVDTDNVANPTNISKCFANNQDERLLGFTMEWFLSG
LEHDHHFTPQIICGNVSKGEVNAQVNITMEDHCSQVFLKMRRIFGVFKNPCTSHGKQNVLISVSNWTNQCSGNHLSGTKH
HHHHH
;
_entity_poly.pdbx_strand_id   A
#
# COMPACT_ATOMS: atom_id res chain seq x y z
N SER A 5 -18.16 18.18 0.94
CA SER A 5 -17.27 17.25 1.66
C SER A 5 -15.97 17.96 2.06
N TYR A 6 -15.15 17.25 2.85
CA TYR A 6 -13.90 17.78 3.35
C TYR A 6 -12.73 17.30 2.50
N ILE A 7 -11.77 18.21 2.26
CA ILE A 7 -10.66 17.95 1.37
C ILE A 7 -9.38 17.85 2.19
N THR A 8 -8.74 16.69 2.12
CA THR A 8 -7.54 16.45 2.93
C THR A 8 -6.34 17.14 2.28
N PRO A 9 -5.47 17.75 3.10
CA PRO A 9 -4.23 18.34 2.57
C PRO A 9 -3.09 17.34 2.40
N TYR A 10 -3.27 16.09 2.81
CA TYR A 10 -2.18 15.11 2.82
C TYR A 10 -2.28 14.17 1.62
N VAL A 11 -2.26 14.78 0.44
CA VAL A 11 -2.36 14.04 -0.81
C VAL A 11 -0.93 13.84 -1.34
N PRO A 12 -0.50 12.60 -1.59
CA PRO A 12 0.86 12.38 -2.09
C PRO A 12 1.01 12.74 -3.56
N MET A 13 2.24 12.67 -4.07
CA MET A 13 2.47 12.76 -5.50
C MET A 13 2.62 11.35 -6.05
N PRO A 14 1.66 10.88 -6.86
CA PRO A 14 1.79 9.54 -7.42
C PRO A 14 2.78 9.52 -8.58
N CYS A 15 3.52 8.43 -8.67
CA CYS A 15 4.33 8.18 -9.85
C CYS A 15 4.47 6.68 -10.07
N MET A 16 4.18 6.26 -11.31
CA MET A 16 4.22 4.86 -11.68
C MET A 16 5.58 4.53 -12.28
N ILE A 17 6.28 3.57 -11.67
CA ILE A 17 7.52 3.08 -12.25
C ILE A 17 7.22 2.13 -13.41
N ASN A 18 6.49 1.05 -13.13
CA ASN A 18 6.07 0.14 -14.18
C ASN A 18 4.86 -0.66 -13.69
N ASP A 19 4.44 -1.64 -14.51
CA ASP A 19 3.21 -2.38 -14.29
C ASP A 19 3.11 -2.97 -12.89
N THR A 20 4.23 -3.12 -12.19
CA THR A 20 4.24 -3.73 -10.86
C THR A 20 4.90 -2.85 -9.80
N HIS A 21 5.36 -1.64 -10.15
CA HIS A 21 6.10 -0.81 -9.21
C HIS A 21 5.55 0.61 -9.26
N PHE A 22 5.16 1.13 -8.08
CA PHE A 22 4.49 2.41 -7.94
C PHE A 22 5.03 3.14 -6.72
N LEU A 23 4.97 4.46 -6.76
CA LEU A 23 5.44 5.32 -5.68
C LEU A 23 4.41 6.41 -5.38
N LEU A 24 4.20 6.67 -4.08
CA LEU A 24 3.39 7.78 -3.61
C LEU A 24 4.30 8.68 -2.79
N ARG A 25 4.79 9.76 -3.41
CA ARG A 25 5.71 10.65 -2.71
C ARG A 25 4.96 11.41 -1.62
N GLY A 26 5.51 11.35 -0.40
CA GLY A 26 4.91 12.02 0.73
C GLY A 26 4.52 13.45 0.44
N PRO A 27 3.39 13.90 0.98
CA PRO A 27 2.88 15.22 0.66
C PRO A 27 3.84 16.32 1.05
N PHE A 28 3.63 17.50 0.45
CA PHE A 28 4.46 18.68 0.67
C PHE A 28 5.91 18.41 0.33
N GLU A 29 6.12 17.59 -0.71
CA GLU A 29 7.46 17.26 -1.21
C GLU A 29 8.32 16.67 -0.10
N ALA A 30 7.81 15.60 0.51
CA ALA A 30 8.55 14.93 1.56
C ALA A 30 9.82 14.31 0.99
N SER A 31 10.74 13.98 1.90
CA SER A 31 11.97 13.28 1.55
C SER A 31 11.77 11.77 1.47
N TRP A 32 10.53 11.29 1.62
CA TRP A 32 10.23 9.87 1.57
C TRP A 32 9.08 9.63 0.59
N ALA A 33 8.79 8.35 0.37
CA ALA A 33 7.70 7.94 -0.50
C ALA A 33 7.24 6.55 -0.10
N ILE A 34 5.95 6.30 -0.19
CA ILE A 34 5.40 4.97 -0.01
C ILE A 34 5.63 4.17 -1.30
N LYS A 35 6.26 3.01 -1.15
CA LYS A 35 6.53 2.12 -2.28
C LYS A 35 5.51 0.99 -2.29
N LEU A 36 4.88 0.78 -3.46
CA LEU A 36 3.89 -0.25 -3.65
C LEU A 36 4.38 -1.19 -4.76
N GLU A 37 4.57 -2.46 -4.41
CA GLU A 37 5.06 -3.46 -5.36
C GLU A 37 4.06 -4.59 -5.47
N ILE A 38 3.53 -4.80 -6.68
CA ILE A 38 2.61 -5.89 -6.95
C ILE A 38 3.42 -7.13 -7.30
N THR A 39 3.42 -8.12 -6.40
CA THR A 39 4.21 -9.31 -6.65
C THR A 39 3.56 -10.53 -5.99
N ASP A 40 3.74 -11.69 -6.62
CA ASP A 40 3.28 -12.97 -6.11
C ASP A 40 4.27 -13.60 -5.13
N VAL A 41 5.28 -12.86 -4.69
CA VAL A 41 6.28 -13.37 -3.77
C VAL A 41 5.79 -13.14 -2.34
N THR A 42 5.67 -14.23 -1.57
CA THR A 42 5.27 -14.14 -0.18
C THR A 42 6.51 -13.99 0.69
N THR A 43 6.57 -12.87 1.43
CA THR A 43 7.72 -12.57 2.27
C THR A 43 7.41 -12.71 3.77
N LEU A 44 6.14 -12.60 4.16
CA LEU A 44 5.75 -12.55 5.56
C LEU A 44 4.78 -13.68 5.89
N VAL A 45 4.79 -14.08 7.17
CA VAL A 45 3.98 -15.18 7.67
C VAL A 45 3.19 -14.69 8.88
N VAL A 46 1.98 -15.25 9.06
CA VAL A 46 1.12 -14.84 10.16
C VAL A 46 1.81 -15.05 11.50
N ASP A 47 1.73 -14.03 12.36
CA ASP A 47 2.31 -14.05 13.69
C ASP A 47 1.27 -13.51 14.67
N THR A 48 1.46 -13.83 15.95
CA THR A 48 0.47 -13.44 16.96
C THR A 48 0.39 -11.93 17.18
N ASP A 49 1.37 -11.16 16.68
CA ASP A 49 1.44 -9.74 16.99
C ASP A 49 1.41 -8.84 15.76
N ASN A 50 1.36 -9.40 14.55
CA ASN A 50 1.51 -8.60 13.35
C ASN A 50 0.27 -8.62 12.44
N VAL A 51 -0.82 -9.24 12.88
CA VAL A 51 -2.04 -9.26 12.07
C VAL A 51 -2.69 -7.88 12.09
N ALA A 52 -3.17 -7.44 10.92
CA ALA A 52 -3.81 -6.14 10.79
C ALA A 52 -4.94 -6.26 9.78
N ASN A 53 -5.71 -5.18 9.64
CA ASN A 53 -6.80 -5.08 8.67
C ASN A 53 -6.76 -3.66 8.10
N PRO A 54 -7.59 -3.33 7.10
CA PRO A 54 -7.57 -1.97 6.57
C PRO A 54 -7.77 -0.87 7.60
N THR A 55 -8.44 -1.17 8.72
CA THR A 55 -8.79 -0.12 9.67
C THR A 55 -7.59 0.34 10.51
N ASN A 56 -6.65 -0.57 10.80
CA ASN A 56 -5.48 -0.18 11.59
C ASN A 56 -4.17 -0.53 10.88
N ILE A 57 -4.18 -0.54 9.56
CA ILE A 57 -2.96 -0.77 8.80
C ILE A 57 -1.92 0.31 9.06
N SER A 58 -2.35 1.47 9.54
CA SER A 58 -1.41 2.52 9.94
C SER A 58 -0.46 2.03 11.02
N LYS A 59 -0.91 1.06 11.83
CA LYS A 59 -0.03 0.49 12.85
C LYS A 59 1.12 -0.34 12.27
N CYS A 60 1.16 -0.53 10.95
CA CYS A 60 2.33 -1.10 10.30
C CYS A 60 3.42 -0.04 10.04
N PHE A 61 3.22 1.19 10.51
CA PHE A 61 4.19 2.27 10.34
C PHE A 61 4.46 2.96 11.67
N ALA A 62 4.59 2.17 12.74
CA ALA A 62 4.66 2.71 14.08
C ALA A 62 6.04 3.32 14.38
N ASN A 63 7.10 2.57 14.11
CA ASN A 63 8.44 3.01 14.46
C ASN A 63 9.03 4.02 13.46
N ASN A 64 8.30 4.34 12.40
CA ASN A 64 8.79 5.25 11.38
C ASN A 64 8.75 6.69 11.89
N GLN A 65 9.68 7.50 11.39
CA GLN A 65 9.65 8.93 11.63
C GLN A 65 8.57 9.56 10.74
N ASP A 66 8.01 10.68 11.23
CA ASP A 66 6.87 11.32 10.57
C ASP A 66 5.75 10.30 10.34
N GLU A 67 5.52 9.45 11.34
CA GLU A 67 4.50 8.42 11.24
C GLU A 67 3.10 9.03 11.07
N ARG A 68 2.90 10.25 11.57
CA ARG A 68 1.62 10.92 11.39
C ARG A 68 1.35 11.19 9.91
N LEU A 69 2.35 11.72 9.20
CA LEU A 69 2.19 11.99 7.77
C LEU A 69 2.03 10.70 6.98
N LEU A 70 2.78 9.66 7.37
CA LEU A 70 2.62 8.36 6.72
C LEU A 70 1.20 7.84 6.89
N GLY A 71 0.64 7.99 8.10
CA GLY A 71 -0.72 7.56 8.34
C GLY A 71 -1.72 8.36 7.52
N PHE A 72 -1.52 9.67 7.43
CA PHE A 72 -2.41 10.50 6.62
C PHE A 72 -2.35 10.08 5.14
N THR A 73 -1.14 9.78 4.63
CA THR A 73 -1.01 9.39 3.24
C THR A 73 -1.66 8.04 2.98
N MET A 74 -1.40 7.06 3.84
CA MET A 74 -2.05 5.76 3.71
C MET A 74 -3.57 5.90 3.85
N GLU A 75 -4.03 6.87 4.63
CA GLU A 75 -5.46 7.12 4.76
C GLU A 75 -6.04 7.60 3.44
N TRP A 76 -5.36 8.56 2.81
CA TRP A 76 -5.75 8.99 1.46
C TRP A 76 -5.78 7.81 0.50
N PHE A 77 -4.77 6.94 0.58
CA PHE A 77 -4.64 5.87 -0.40
C PHE A 77 -5.75 4.84 -0.27
N LEU A 78 -6.22 4.58 0.95
CA LEU A 78 -7.21 3.53 1.19
C LEU A 78 -8.64 4.05 1.24
N SER A 79 -8.88 5.29 0.81
CA SER A 79 -10.23 5.83 0.78
C SER A 79 -11.08 5.05 -0.20
N GLY A 80 -12.28 4.65 0.24
CA GLY A 80 -13.21 3.91 -0.60
C GLY A 80 -13.03 2.40 -0.55
N LEU A 81 -11.99 1.91 0.13
CA LEU A 81 -11.76 0.49 0.32
C LEU A 81 -11.89 0.07 1.77
N GLU A 82 -11.44 0.91 2.71
CA GLU A 82 -11.53 0.57 4.12
C GLU A 82 -12.99 0.61 4.61
N HIS A 83 -13.78 1.55 4.09
CA HIS A 83 -15.18 1.65 4.45
C HIS A 83 -15.97 0.42 4.01
N ASP A 84 -15.41 -0.35 3.06
CA ASP A 84 -16.08 -1.53 2.52
C ASP A 84 -15.84 -2.71 3.46
N HIS A 85 -16.91 -3.26 4.00
CA HIS A 85 -16.83 -4.43 4.86
C HIS A 85 -16.58 -5.71 4.04
N HIS A 86 -16.85 -5.69 2.74
CA HIS A 86 -16.55 -6.82 1.87
C HIS A 86 -15.17 -6.69 1.22
N PHE A 87 -14.30 -5.84 1.76
CA PHE A 87 -12.91 -5.74 1.34
C PHE A 87 -12.07 -6.12 2.56
N THR A 88 -11.81 -7.42 2.70
CA THR A 88 -11.14 -7.98 3.86
C THR A 88 -9.88 -8.75 3.46
N PRO A 89 -8.86 -8.05 2.93
CA PRO A 89 -7.61 -8.74 2.61
C PRO A 89 -6.77 -8.95 3.87
N GLN A 90 -6.10 -10.10 3.93
CA GLN A 90 -5.14 -10.36 4.98
C GLN A 90 -3.98 -9.39 4.85
N ILE A 91 -3.71 -8.64 5.93
CA ILE A 91 -2.62 -7.68 5.97
C ILE A 91 -1.67 -8.08 7.08
N ILE A 92 -0.39 -8.22 6.75
CA ILE A 92 0.64 -8.62 7.70
C ILE A 92 1.65 -7.50 7.82
N CYS A 93 1.75 -6.90 9.00
CA CYS A 93 2.82 -5.94 9.24
C CYS A 93 4.16 -6.67 9.28
N GLY A 94 5.23 -5.93 8.97
CA GLY A 94 6.56 -6.51 8.98
C GLY A 94 7.52 -5.76 9.90
N ASN A 95 8.65 -6.38 10.22
CA ASN A 95 9.66 -5.76 11.05
C ASN A 95 10.59 -4.95 10.13
N VAL A 96 10.42 -3.63 10.14
CA VAL A 96 11.25 -2.77 9.31
C VAL A 96 12.70 -2.75 9.81
N SER A 97 12.89 -2.94 11.13
CA SER A 97 14.23 -2.98 11.68
C SER A 97 15.00 -4.23 11.26
N LYS A 98 14.30 -5.28 10.84
CA LYS A 98 14.93 -6.48 10.32
C LYS A 98 14.98 -6.50 8.80
N GLY A 99 14.60 -5.40 8.15
CA GLY A 99 14.68 -5.30 6.71
C GLY A 99 13.45 -5.79 5.95
N GLU A 100 12.35 -6.04 6.65
CA GLU A 100 11.12 -6.49 6.01
C GLU A 100 10.28 -5.29 5.58
N VAL A 101 9.37 -5.54 4.62
CA VAL A 101 8.48 -4.50 4.17
C VAL A 101 7.54 -4.08 5.30
N ASN A 102 7.00 -2.87 5.17
CA ASN A 102 6.13 -2.34 6.20
C ASN A 102 4.84 -3.16 6.30
N ALA A 103 4.29 -3.58 5.15
CA ALA A 103 3.04 -4.32 5.15
C ALA A 103 2.99 -5.22 3.92
N GLN A 104 2.30 -6.36 4.08
CA GLN A 104 2.03 -7.28 2.99
C GLN A 104 0.52 -7.45 2.89
N VAL A 105 -0.05 -7.09 1.74
CA VAL A 105 -1.48 -7.08 1.53
C VAL A 105 -1.83 -8.24 0.62
N ASN A 106 -2.58 -9.21 1.16
CA ASN A 106 -2.97 -10.41 0.43
C ASN A 106 -4.13 -10.07 -0.51
N ILE A 107 -3.85 -10.05 -1.82
CA ILE A 107 -4.88 -9.78 -2.81
C ILE A 107 -5.07 -11.00 -3.70
N THR A 108 -5.07 -12.19 -3.10
CA THR A 108 -5.28 -13.41 -3.86
C THR A 108 -6.74 -13.55 -4.30
N MET A 109 -7.67 -13.04 -3.50
CA MET A 109 -9.08 -13.07 -3.87
C MET A 109 -9.31 -12.16 -5.08
N GLU A 110 -10.00 -12.72 -6.09
CA GLU A 110 -10.26 -11.98 -7.31
C GLU A 110 -10.92 -10.64 -7.04
N ASP A 111 -11.81 -10.57 -6.04
CA ASP A 111 -12.50 -9.32 -5.76
C ASP A 111 -11.58 -8.31 -5.07
N HIS A 112 -10.77 -8.77 -4.10
CA HIS A 112 -9.83 -7.87 -3.45
C HIS A 112 -8.80 -7.34 -4.45
N CYS A 113 -8.26 -8.24 -5.26
CA CYS A 113 -7.35 -7.84 -6.32
C CYS A 113 -8.01 -6.83 -7.25
N SER A 114 -9.27 -7.07 -7.62
CA SER A 114 -9.98 -6.16 -8.51
C SER A 114 -10.12 -4.77 -7.88
N GLN A 115 -10.49 -4.72 -6.59
CA GLN A 115 -10.67 -3.45 -5.91
C GLN A 115 -9.35 -2.66 -5.85
N VAL A 116 -8.27 -3.33 -5.44
CA VAL A 116 -6.98 -2.66 -5.37
C VAL A 116 -6.55 -2.18 -6.76
N PHE A 117 -6.77 -3.02 -7.78
CA PHE A 117 -6.40 -2.64 -9.14
C PHE A 117 -7.17 -1.42 -9.61
N LEU A 118 -8.47 -1.35 -9.30
CA LEU A 118 -9.27 -0.23 -9.76
C LEU A 118 -8.90 1.06 -9.02
N LYS A 119 -8.60 0.97 -7.73
CA LYS A 119 -8.13 2.14 -7.01
C LYS A 119 -6.81 2.66 -7.61
N MET A 120 -5.86 1.74 -7.84
CA MET A 120 -4.57 2.15 -8.38
C MET A 120 -4.68 2.61 -9.84
N ARG A 121 -5.70 2.13 -10.57
CA ARG A 121 -5.91 2.60 -11.93
C ARG A 121 -6.59 3.97 -11.96
N ARG A 122 -7.36 4.30 -10.93
CA ARG A 122 -7.84 5.66 -10.78
C ARG A 122 -6.70 6.60 -10.42
N ILE A 123 -5.75 6.12 -9.61
CA ILE A 123 -4.65 6.96 -9.16
C ILE A 123 -3.61 7.17 -10.28
N PHE A 124 -3.07 6.08 -10.83
CA PHE A 124 -1.95 6.14 -11.76
C PHE A 124 -2.34 6.05 -13.23
N GLY A 125 -3.52 5.50 -13.53
CA GLY A 125 -3.91 5.32 -14.91
C GLY A 125 -3.73 3.88 -15.36
N VAL A 126 -3.82 3.68 -16.66
CA VAL A 126 -3.82 2.35 -17.25
C VAL A 126 -2.51 1.64 -16.95
N PHE A 127 -2.61 0.35 -16.60
CA PHE A 127 -1.46 -0.54 -16.53
C PHE A 127 -1.97 -1.98 -16.54
N LYS A 128 -1.04 -2.92 -16.59
CA LYS A 128 -1.36 -4.33 -16.75
C LYS A 128 -2.24 -4.81 -15.59
N ASN A 129 -3.33 -5.50 -15.93
CA ASN A 129 -4.24 -6.03 -14.93
C ASN A 129 -3.60 -7.25 -14.28
N PRO A 130 -3.37 -7.25 -12.96
CA PRO A 130 -2.77 -8.42 -12.31
C PRO A 130 -3.75 -9.52 -11.93
N CYS A 131 -5.06 -9.24 -11.98
CA CYS A 131 -6.06 -10.19 -11.55
C CYS A 131 -6.58 -11.08 -12.67
N THR A 132 -6.15 -10.84 -13.92
CA THR A 132 -6.50 -11.74 -15.00
C THR A 132 -5.97 -13.14 -14.74
N SER A 133 -4.66 -13.23 -14.47
CA SER A 133 -4.05 -14.49 -14.07
C SER A 133 -4.38 -14.79 -12.61
N HIS A 134 -4.64 -16.07 -12.32
CA HIS A 134 -4.95 -16.53 -10.97
C HIS A 134 -3.67 -16.65 -10.15
N GLY A 135 -3.76 -17.39 -9.05
CA GLY A 135 -2.62 -17.66 -8.18
C GLY A 135 -2.41 -16.55 -7.15
N LYS A 136 -1.36 -16.71 -6.36
CA LYS A 136 -1.12 -15.80 -5.26
C LYS A 136 -0.76 -14.41 -5.81
N GLN A 137 -1.26 -13.37 -5.12
CA GLN A 137 -0.92 -12.00 -5.45
C GLN A 137 -0.85 -11.20 -4.16
N ASN A 138 0.18 -10.35 -4.07
CA ASN A 138 0.39 -9.50 -2.92
C ASN A 138 0.72 -8.08 -3.36
N VAL A 139 0.41 -7.14 -2.49
CA VAL A 139 0.90 -5.77 -2.58
C VAL A 139 1.84 -5.54 -1.39
N LEU A 140 3.13 -5.39 -1.67
CA LEU A 140 4.09 -5.06 -0.63
C LEU A 140 4.18 -3.54 -0.52
N ILE A 141 3.96 -3.04 0.70
CA ILE A 141 4.01 -1.61 1.00
C ILE A 141 5.21 -1.36 1.90
N SER A 142 6.07 -0.42 1.48
CA SER A 142 7.24 -0.06 2.25
C SER A 142 7.42 1.45 2.18
N VAL A 143 8.45 1.95 2.88
CA VAL A 143 8.81 3.36 2.82
C VAL A 143 10.22 3.47 2.27
N SER A 144 10.36 4.16 1.14
CA SER A 144 11.63 4.35 0.46
C SER A 144 11.97 5.84 0.41
N ASN A 145 13.19 6.14 -0.01
CA ASN A 145 13.66 7.51 -0.11
C ASN A 145 13.35 8.09 -1.48
N TRP A 146 12.96 9.36 -1.50
CA TRP A 146 12.69 10.05 -2.75
C TRP A 146 13.99 10.51 -3.39
N THR A 147 14.26 10.02 -4.60
CA THR A 147 15.44 10.40 -5.36
C THR A 147 15.06 11.02 -6.69
N ASN A 148 13.95 11.78 -6.69
CA ASN A 148 13.44 12.46 -7.88
C ASN A 148 13.29 11.48 -9.04
N GLN A 149 12.51 10.43 -8.80
CA GLN A 149 12.31 9.41 -9.82
C GLN A 149 11.50 9.93 -11.00
N CYS A 150 10.82 11.07 -10.84
CA CYS A 150 9.90 11.57 -11.85
C CYS A 150 9.95 13.10 -11.91
#